data_4YOU
#
_entry.id   4YOU
#
_cell.length_a   81.940
_cell.length_b   88.980
_cell.length_c   93.950
_cell.angle_alpha   90.000
_cell.angle_beta   90.000
_cell.angle_gamma   90.000
#
_symmetry.space_group_name_H-M   'P 21 21 21'
#
loop_
_entity.id
_entity.type
_entity.pdbx_description
1 polymer '3-5 exonuclease PhoExo I'
2 non-polymer 'MAGNESIUM ION'
3 water water
#
_entity_poly.entity_id   1
_entity_poly.type   'polypeptide(L)'
_entity_poly.pdbx_seq_one_letter_code
;MRIVAADTGGAVLDESFQPVGLIATVAVLVEKPYKTSKRFLVKYADPYNYDLSGRQAIRDEIELAIELAREVSPDVIHLD
STLGGIEVRKLDESTIDALQISDRGKEIWKELSKDLQPLAKKFWEETGIEIIAIGKSSVPVRIAEIYAGIFSVKWALDNV
KEKGGLLVGLPRYMEVEIKKDKIIGKSLDPREGGLYGEVKTEVPQGIKWELYPNPLVRRFMVFEITSKS
;
_entity_poly.pdbx_strand_id   A,B,C
#
loop_
_chem_comp.id
_chem_comp.type
_chem_comp.name
_chem_comp.formula
MG non-polymer 'MAGNESIUM ION' 'Mg 2'
#
# COMPACT_ATOMS: atom_id res chain seq x y z
N MET A 1 -16.73 -17.73 -12.21
CA MET A 1 -16.66 -18.32 -10.87
C MET A 1 -17.54 -17.53 -9.91
N ARG A 2 -18.38 -18.23 -9.16
CA ARG A 2 -19.24 -17.59 -8.17
C ARG A 2 -18.77 -17.90 -6.75
N ILE A 3 -18.50 -16.85 -6.00
CA ILE A 3 -17.83 -16.97 -4.71
C ILE A 3 -18.66 -16.34 -3.58
N VAL A 4 -18.81 -17.08 -2.49
CA VAL A 4 -19.35 -16.52 -1.25
C VAL A 4 -18.20 -16.28 -0.27
N ALA A 5 -18.09 -15.07 0.26
CA ALA A 5 -17.07 -14.79 1.25
C ALA A 5 -17.69 -14.08 2.44
N ALA A 6 -16.95 -14.03 3.54
CA ALA A 6 -17.41 -13.34 4.74
C ALA A 6 -16.26 -12.69 5.48
N ASP A 7 -16.57 -11.64 6.24
CA ASP A 7 -15.60 -11.02 7.14
C ASP A 7 -16.32 -10.18 8.17
N THR A 8 -15.65 -9.91 9.28
CA THR A 8 -16.20 -9.08 10.33
C THR A 8 -15.38 -7.79 10.39
N GLY A 9 -16.07 -6.65 10.38
CA GLY A 9 -15.39 -5.37 10.37
C GLY A 9 -16.23 -4.23 10.92
N GLY A 10 -15.60 -3.07 11.06
CA GLY A 10 -16.25 -1.92 11.69
C GLY A 10 -16.13 -2.03 13.19
N ALA A 11 -15.66 -0.97 13.83
CA ALA A 11 -15.43 -1.00 15.27
C ALA A 11 -15.93 0.25 15.97
N VAL A 12 -16.54 0.06 17.14
CA VAL A 12 -16.81 1.18 18.02
C VAL A 12 -15.50 1.54 18.70
N LEU A 13 -15.07 2.79 18.54
CA LEU A 13 -13.80 3.24 19.09
C LEU A 13 -14.01 4.09 20.33
N ASP A 14 -13.08 4.04 21.27
CA ASP A 14 -13.06 5.01 22.36
C ASP A 14 -12.50 6.33 21.82
N GLU A 15 -12.45 7.35 22.68
CA GLU A 15 -11.97 8.65 22.24
C GLU A 15 -10.44 8.72 22.17
N SER A 16 -9.78 7.64 22.57
CA SER A 16 -8.34 7.50 22.34
C SER A 16 -8.14 6.72 21.03
N PHE A 17 -9.25 6.51 20.33
CA PHE A 17 -9.28 5.83 19.03
C PHE A 17 -8.91 4.35 19.08
N GLN A 18 -9.22 3.69 20.20
CA GLN A 18 -9.00 2.25 20.33
C GLN A 18 -10.31 1.51 20.26
N PRO A 19 -10.36 0.41 19.48
CA PRO A 19 -11.58 -0.39 19.30
C PRO A 19 -12.10 -0.97 20.62
N VAL A 20 -13.41 -0.86 20.83
CA VAL A 20 -14.08 -1.45 21.99
C VAL A 20 -14.57 -2.83 21.62
N GLY A 21 -15.04 -2.95 20.38
CA GLY A 21 -15.51 -4.21 19.84
C GLY A 21 -15.91 -4.03 18.39
N LEU A 22 -15.98 -5.14 17.65
CA LEU A 22 -16.39 -5.10 16.26
C LEU A 22 -17.92 -5.11 16.14
N ILE A 23 -18.43 -4.63 15.01
CA ILE A 23 -19.86 -4.42 14.86
C ILE A 23 -20.55 -5.43 13.93
N ALA A 24 -20.13 -5.46 12.67
CA ALA A 24 -20.85 -6.23 11.66
C ALA A 24 -20.07 -7.40 11.08
N THR A 25 -20.74 -8.55 10.98
CA THR A 25 -20.24 -9.68 10.21
C THR A 25 -21.12 -9.80 8.97
N VAL A 26 -20.49 -9.86 7.80
CA VAL A 26 -21.24 -9.87 6.54
C VAL A 26 -20.79 -11.03 5.65
N ALA A 27 -21.75 -11.73 5.04
CA ALA A 27 -21.44 -12.71 4.02
C ALA A 27 -21.93 -12.17 2.67
N VAL A 28 -21.09 -12.28 1.65
CA VAL A 28 -21.43 -11.74 0.33
C VAL A 28 -21.31 -12.77 -0.78
N LEU A 29 -22.20 -12.66 -1.77
CA LEU A 29 -22.04 -13.41 -3.02
C LEU A 29 -21.36 -12.49 -4.02
N VAL A 30 -20.24 -12.94 -4.57
CA VAL A 30 -19.51 -12.13 -5.53
C VAL A 30 -19.36 -12.87 -6.86
N GLU A 31 -19.76 -12.21 -7.95
CA GLU A 31 -19.67 -12.79 -9.28
C GLU A 31 -18.82 -11.87 -10.15
N LYS A 32 -18.40 -12.37 -11.31
CA LYS A 32 -17.68 -11.56 -12.28
C LYS A 32 -18.46 -10.28 -12.57
N PRO A 33 -17.77 -9.13 -12.65
CA PRO A 33 -16.31 -8.95 -12.60
C PRO A 33 -15.71 -8.73 -11.21
N TYR A 34 -16.35 -9.23 -10.16
CA TYR A 34 -15.77 -9.23 -8.82
C TYR A 34 -15.44 -7.83 -8.28
N LYS A 35 -16.39 -6.91 -8.42
CA LYS A 35 -16.20 -5.55 -7.92
C LYS A 35 -17.13 -5.22 -6.76
N THR A 36 -18.27 -5.90 -6.71
CA THR A 36 -19.25 -5.63 -5.67
C THR A 36 -20.10 -6.87 -5.40
N SER A 37 -21.04 -6.74 -4.48
CA SER A 37 -21.99 -7.81 -4.18
C SER A 37 -23.40 -7.25 -4.19
N LYS A 38 -24.31 -7.97 -4.84
CA LYS A 38 -25.72 -7.58 -4.88
C LYS A 38 -26.58 -8.53 -4.04
N ARG A 39 -25.93 -9.52 -3.43
CA ARG A 39 -26.62 -10.50 -2.61
C ARG A 39 -25.79 -10.75 -1.35
N PHE A 40 -26.34 -10.41 -0.20
CA PHE A 40 -25.56 -10.45 1.04
C PHE A 40 -26.41 -10.61 2.30
N LEU A 41 -25.78 -11.12 3.35
CA LEU A 41 -26.39 -11.32 4.65
C LEU A 41 -25.56 -10.58 5.69
N VAL A 42 -26.20 -10.09 6.75
CA VAL A 42 -25.50 -9.37 7.81
C VAL A 42 -25.89 -9.90 9.19
N LYS A 43 -24.94 -9.93 10.10
CA LYS A 43 -25.21 -10.24 11.50
C LYS A 43 -24.51 -9.22 12.39
N TYR A 44 -25.28 -8.55 13.25
CA TYR A 44 -24.72 -7.55 14.14
C TYR A 44 -24.30 -8.17 15.47
N ALA A 45 -23.10 -7.82 15.93
CA ALA A 45 -22.66 -8.20 17.27
C ALA A 45 -23.03 -7.08 18.22
N ASP A 46 -22.70 -7.27 19.50
CA ASP A 46 -22.74 -6.16 20.45
C ASP A 46 -21.31 -5.72 20.72
N PRO A 47 -20.93 -4.56 20.17
CA PRO A 47 -19.55 -4.08 20.22
C PRO A 47 -19.08 -3.86 21.65
N TYR A 48 -20.02 -3.59 22.54
CA TYR A 48 -19.70 -3.38 23.96
C TYR A 48 -19.64 -4.70 24.72
N ASN A 49 -20.03 -5.78 24.04
CA ASN A 49 -20.01 -7.12 24.60
C ASN A 49 -19.20 -8.04 23.70
N TYR A 50 -17.97 -7.65 23.37
CA TYR A 50 -17.27 -8.32 22.28
C TYR A 50 -16.02 -9.11 22.67
N ASP A 51 -15.85 -10.25 22.02
CA ASP A 51 -14.66 -11.07 22.17
C ASP A 51 -13.66 -10.76 21.07
N LEU A 52 -12.52 -10.20 21.45
CA LEU A 52 -11.45 -9.93 20.49
C LEU A 52 -10.39 -11.03 20.52
N SER A 53 -10.80 -12.24 20.90
CA SER A 53 -9.98 -13.40 20.57
C SER A 53 -10.08 -13.50 19.07
N GLY A 54 -11.28 -13.22 18.57
CA GLY A 54 -11.59 -13.36 17.16
C GLY A 54 -12.30 -14.66 16.91
N ARG A 55 -12.47 -15.43 17.99
CA ARG A 55 -13.15 -16.72 17.91
C ARG A 55 -14.62 -16.52 17.50
N GLN A 56 -15.33 -15.68 18.22
CA GLN A 56 -16.73 -15.39 17.90
C GLN A 56 -16.90 -14.86 16.48
N ALA A 57 -15.95 -14.05 16.03
CA ALA A 57 -16.00 -13.48 14.69
C ALA A 57 -15.87 -14.54 13.59
N ILE A 58 -14.83 -15.37 13.69
CA ILE A 58 -14.60 -16.40 12.68
C ILE A 58 -15.74 -17.43 12.67
N ARG A 59 -16.31 -17.69 13.85
CA ARG A 59 -17.46 -18.58 13.97
C ARG A 59 -18.64 -17.98 13.23
N ASP A 60 -18.93 -16.72 13.52
CA ASP A 60 -20.00 -15.99 12.85
C ASP A 60 -19.78 -15.96 11.34
N GLU A 61 -18.55 -15.67 10.94
CA GLU A 61 -18.19 -15.60 9.52
C GLU A 61 -18.49 -16.89 8.76
N ILE A 62 -18.06 -18.02 9.31
CA ILE A 62 -18.24 -19.29 8.61
C ILE A 62 -19.70 -19.73 8.53
N GLU A 63 -20.45 -19.54 9.62
CA GLU A 63 -21.85 -19.92 9.65
C GLU A 63 -22.70 -19.05 8.72
N LEU A 64 -22.36 -17.76 8.65
CA LEU A 64 -23.08 -16.83 7.80
C LEU A 64 -22.78 -17.11 6.34
N ALA A 65 -21.53 -17.46 6.05
CA ALA A 65 -21.12 -17.82 4.71
C ALA A 65 -21.90 -19.04 4.24
N ILE A 66 -21.95 -20.05 5.11
CA ILE A 66 -22.70 -21.28 4.83
C ILE A 66 -24.18 -21.01 4.59
N GLU A 67 -24.78 -20.21 5.47
CA GLU A 67 -26.19 -19.84 5.34
C GLU A 67 -26.47 -19.20 3.98
N LEU A 68 -25.61 -18.26 3.58
CA LEU A 68 -25.75 -17.61 2.28
C LEU A 68 -25.48 -18.59 1.13
N ALA A 69 -24.46 -19.42 1.29
CA ALA A 69 -24.09 -20.38 0.25
C ALA A 69 -25.21 -21.38 -0.03
N ARG A 70 -25.99 -21.71 0.99
CA ARG A 70 -27.13 -22.62 0.84
C ARG A 70 -28.23 -22.06 -0.06
N GLU A 71 -28.25 -20.74 -0.22
CA GLU A 71 -29.31 -20.08 -0.96
C GLU A 71 -28.88 -19.68 -2.37
N VAL A 72 -27.57 -19.49 -2.56
CA VAL A 72 -27.06 -19.03 -3.85
C VAL A 72 -26.18 -20.05 -4.57
N SER A 73 -25.81 -21.12 -3.84
CA SER A 73 -25.02 -22.23 -4.39
C SER A 73 -23.78 -21.78 -5.17
N PRO A 74 -22.79 -21.20 -4.47
CA PRO A 74 -21.57 -20.73 -5.12
C PRO A 74 -20.65 -21.90 -5.47
N ASP A 75 -19.57 -21.62 -6.17
CA ASP A 75 -18.58 -22.66 -6.48
C ASP A 75 -17.68 -22.91 -5.29
N VAL A 76 -17.52 -21.89 -4.45
CA VAL A 76 -16.55 -21.92 -3.37
C VAL A 76 -16.87 -20.85 -2.31
N ILE A 77 -16.47 -21.12 -1.07
CA ILE A 77 -16.55 -20.12 -0.01
C ILE A 77 -15.16 -19.64 0.36
N HIS A 78 -14.99 -18.32 0.48
CA HIS A 78 -13.71 -17.77 0.93
C HIS A 78 -13.81 -17.34 2.40
N LEU A 79 -12.90 -17.85 3.22
CA LEU A 79 -12.87 -17.49 4.64
C LEU A 79 -11.69 -16.56 4.91
N ASP A 80 -11.90 -15.57 5.76
CA ASP A 80 -10.82 -14.64 6.08
C ASP A 80 -9.87 -15.18 7.16
N SER A 81 -9.05 -16.14 6.75
CA SER A 81 -7.90 -16.57 7.54
C SER A 81 -6.82 -16.91 6.51
N THR A 82 -5.68 -16.23 6.61
CA THR A 82 -4.68 -16.33 5.55
C THR A 82 -3.78 -17.55 5.72
N LEU A 83 -4.16 -18.64 5.06
CA LEU A 83 -3.47 -19.92 5.19
C LEU A 83 -3.08 -20.51 3.84
N GLY A 84 -3.22 -19.72 2.77
CA GLY A 84 -2.79 -20.14 1.46
C GLY A 84 -3.84 -20.84 0.62
N GLY A 85 -5.07 -20.91 1.13
CA GLY A 85 -6.17 -21.50 0.40
C GLY A 85 -6.47 -22.95 0.74
N ILE A 86 -6.07 -23.40 1.92
CA ILE A 86 -6.36 -24.76 2.34
C ILE A 86 -7.85 -24.96 2.65
N GLU A 87 -8.37 -26.15 2.32
CA GLU A 87 -9.76 -26.47 2.62
C GLU A 87 -9.95 -26.67 4.12
N VAL A 88 -10.97 -26.04 4.69
CA VAL A 88 -11.23 -26.11 6.12
C VAL A 88 -11.68 -27.52 6.57
N ARG A 89 -12.20 -28.31 5.62
CA ARG A 89 -12.49 -29.74 5.85
C ARG A 89 -11.28 -30.43 6.43
N LYS A 90 -10.12 -30.10 5.88
CA LYS A 90 -8.89 -30.83 6.13
C LYS A 90 -8.05 -30.13 7.18
N LEU A 91 -8.67 -29.20 7.89
CA LEU A 91 -7.95 -28.43 8.91
C LEU A 91 -7.87 -29.19 10.24
N ASP A 92 -6.86 -30.04 10.35
CA ASP A 92 -6.55 -30.70 11.62
C ASP A 92 -5.19 -30.24 12.14
N GLU A 93 -4.93 -30.53 13.41
CA GLU A 93 -3.73 -30.06 14.10
C GLU A 93 -2.47 -30.54 13.39
N SER A 94 -2.55 -31.73 12.81
CA SER A 94 -1.48 -32.29 12.00
C SER A 94 -1.20 -31.38 10.81
N THR A 95 -2.27 -30.93 10.16
CA THR A 95 -2.17 -30.10 8.95
C THR A 95 -1.81 -28.64 9.27
N ILE A 96 -2.14 -28.20 10.48
CA ILE A 96 -1.78 -26.85 10.92
C ILE A 96 -0.27 -26.69 10.85
N ASP A 97 0.45 -27.69 11.35
CA ASP A 97 1.91 -27.71 11.28
C ASP A 97 2.39 -28.05 9.88
N ARG A 104 2.50 -18.44 17.27
CA ARG A 104 1.24 -18.64 17.97
C ARG A 104 0.10 -18.89 16.98
N GLY A 105 0.35 -18.58 15.71
CA GLY A 105 -0.65 -18.76 14.67
C GLY A 105 -1.15 -20.19 14.58
N LYS A 106 -0.22 -21.14 14.67
CA LYS A 106 -0.56 -22.54 14.68
C LYS A 106 -1.36 -22.89 15.94
N GLU A 107 -0.86 -22.42 17.08
CA GLU A 107 -1.47 -22.70 18.37
C GLU A 107 -2.91 -22.17 18.48
N ILE A 108 -3.20 -21.10 17.76
CA ILE A 108 -4.53 -20.48 17.81
C ILE A 108 -5.55 -21.19 16.92
N TRP A 109 -5.14 -21.61 15.73
CA TRP A 109 -6.08 -22.23 14.79
C TRP A 109 -6.41 -23.69 15.08
N LYS A 110 -5.72 -24.29 16.05
CA LYS A 110 -6.05 -25.65 16.45
C LYS A 110 -7.19 -25.71 17.48
N GLU A 111 -7.39 -24.62 18.20
CA GLU A 111 -8.55 -24.50 19.08
C GLU A 111 -9.78 -24.14 18.25
N LEU A 112 -9.57 -23.32 17.23
CA LEU A 112 -10.63 -22.92 16.32
C LEU A 112 -11.06 -24.06 15.42
N SER A 113 -10.11 -24.91 15.04
CA SER A 113 -10.37 -26.02 14.12
C SER A 113 -11.43 -26.98 14.67
N LYS A 114 -11.53 -27.05 16.00
CA LYS A 114 -12.49 -27.93 16.64
C LYS A 114 -13.93 -27.49 16.40
N ASP A 115 -14.10 -26.24 15.97
CA ASP A 115 -15.42 -25.69 15.66
C ASP A 115 -15.62 -25.46 14.17
N LEU A 116 -14.55 -25.07 13.48
CA LEU A 116 -14.62 -24.75 12.06
C LEU A 116 -14.61 -26.00 11.18
N GLN A 117 -13.70 -26.92 11.45
CA GLN A 117 -13.52 -28.11 10.63
C GLN A 117 -14.77 -28.99 10.44
N PRO A 118 -15.47 -29.34 11.55
CA PRO A 118 -16.68 -30.16 11.36
C PRO A 118 -17.77 -29.43 10.57
N LEU A 119 -17.90 -28.13 10.77
CA LEU A 119 -18.85 -27.32 10.01
C LEU A 119 -18.56 -27.37 8.51
N ALA A 120 -17.30 -27.12 8.15
CA ALA A 120 -16.87 -27.18 6.76
C ALA A 120 -17.07 -28.58 6.19
N LYS A 121 -16.70 -29.59 6.98
CA LYS A 121 -16.87 -30.98 6.59
C LYS A 121 -18.33 -31.29 6.26
N LYS A 122 -19.22 -30.97 7.18
CA LYS A 122 -20.65 -31.22 6.99
C LYS A 122 -21.22 -30.52 5.77
N PHE A 123 -20.80 -29.27 5.54
CA PHE A 123 -21.30 -28.52 4.40
C PHE A 123 -20.76 -29.05 3.07
N TRP A 124 -19.53 -29.54 3.06
CA TRP A 124 -18.97 -30.12 1.85
C TRP A 124 -19.68 -31.43 1.50
N GLU A 125 -19.94 -32.25 2.51
CA GLU A 125 -20.66 -33.51 2.31
C GLU A 125 -22.03 -33.25 1.70
N GLU A 126 -22.67 -32.18 2.16
CA GLU A 126 -24.00 -31.80 1.67
C GLU A 126 -23.96 -31.29 0.24
N THR A 127 -22.89 -30.58 -0.11
CA THR A 127 -22.86 -29.79 -1.33
C THR A 127 -21.67 -30.02 -2.25
N GLY A 128 -20.55 -30.44 -1.70
CA GLY A 128 -19.33 -30.55 -2.48
C GLY A 128 -18.59 -29.22 -2.51
N ILE A 129 -19.17 -28.21 -1.89
CA ILE A 129 -18.60 -26.88 -1.83
C ILE A 129 -17.50 -26.80 -0.76
N GLU A 130 -16.34 -26.31 -1.16
CA GLU A 130 -15.21 -26.16 -0.25
C GLU A 130 -15.23 -24.79 0.43
N ILE A 131 -14.79 -24.74 1.68
CA ILE A 131 -14.53 -23.48 2.35
C ILE A 131 -13.02 -23.32 2.43
N ILE A 132 -12.47 -22.29 1.79
CA ILE A 132 -11.01 -22.15 1.77
C ILE A 132 -10.47 -21.02 2.63
N ALA A 133 -9.47 -21.35 3.45
CA ALA A 133 -8.80 -20.36 4.27
C ALA A 133 -7.81 -19.58 3.41
N ILE A 134 -8.32 -18.56 2.71
CA ILE A 134 -7.50 -17.77 1.82
C ILE A 134 -7.11 -16.42 2.44
N GLY A 135 -8.02 -15.84 3.22
CA GLY A 135 -7.73 -14.60 3.92
C GLY A 135 -7.60 -13.38 3.03
N LYS A 136 -6.51 -12.64 3.22
CA LYS A 136 -6.36 -11.29 2.68
C LYS A 136 -6.17 -11.17 1.17
N SER A 137 -5.77 -12.25 0.50
CA SER A 137 -5.53 -12.16 -0.94
C SER A 137 -6.83 -12.28 -1.73
N SER A 138 -7.91 -12.61 -1.04
CA SER A 138 -9.22 -12.77 -1.68
C SER A 138 -9.96 -11.44 -1.86
N VAL A 139 -10.40 -11.17 -3.09
CA VAL A 139 -11.21 -10.00 -3.36
C VAL A 139 -12.62 -10.08 -2.76
N PRO A 140 -13.30 -11.24 -2.87
CA PRO A 140 -14.59 -11.34 -2.20
C PRO A 140 -14.54 -11.13 -0.68
N VAL A 141 -13.45 -11.55 -0.04
CA VAL A 141 -13.28 -11.25 1.39
C VAL A 141 -13.18 -9.75 1.61
N ARG A 142 -12.41 -9.08 0.76
CA ARG A 142 -12.30 -7.63 0.80
C ARG A 142 -13.65 -6.94 0.58
N ILE A 143 -14.45 -7.49 -0.32
CA ILE A 143 -15.78 -6.92 -0.59
C ILE A 143 -16.70 -7.11 0.63
N ALA A 144 -16.59 -8.26 1.28
CA ALA A 144 -17.31 -8.51 2.51
C ALA A 144 -16.90 -7.50 3.57
N GLU A 145 -15.61 -7.25 3.67
CA GLU A 145 -15.06 -6.27 4.61
C GLU A 145 -15.64 -4.88 4.37
N ILE A 146 -15.69 -4.48 3.10
CA ILE A 146 -16.24 -3.17 2.74
C ILE A 146 -17.70 -3.07 3.19
N TYR A 147 -18.46 -4.14 2.96
CA TYR A 147 -19.87 -4.19 3.38
C TYR A 147 -20.01 -4.18 4.89
N ALA A 148 -19.07 -4.81 5.59
CA ALA A 148 -19.05 -4.75 7.05
C ALA A 148 -18.92 -3.30 7.53
N GLY A 149 -18.07 -2.52 6.87
CA GLY A 149 -17.91 -1.11 7.17
C GLY A 149 -19.20 -0.35 6.93
N ILE A 150 -19.88 -0.67 5.83
CA ILE A 150 -21.15 -0.04 5.51
C ILE A 150 -22.22 -0.37 6.55
N PHE A 151 -22.34 -1.64 6.91
CA PHE A 151 -23.34 -2.07 7.88
C PHE A 151 -23.05 -1.55 9.28
N SER A 152 -21.77 -1.34 9.59
CA SER A 152 -21.39 -0.77 10.88
C SER A 152 -21.89 0.66 10.99
N VAL A 153 -21.83 1.39 9.89
CA VAL A 153 -22.35 2.75 9.83
C VAL A 153 -23.87 2.76 9.93
N LYS A 154 -24.51 1.84 9.23
CA LYS A 154 -25.96 1.69 9.29
C LYS A 154 -26.39 1.37 10.73
N TRP A 155 -25.63 0.51 11.37
CA TRP A 155 -25.88 0.17 12.76
C TRP A 155 -25.73 1.38 13.66
N ALA A 156 -24.66 2.14 13.43
CA ALA A 156 -24.38 3.33 14.24
C ALA A 156 -25.46 4.39 14.05
N LEU A 157 -25.91 4.58 12.82
CA LEU A 157 -26.97 5.53 12.53
C LEU A 157 -28.24 5.18 13.29
N ASP A 158 -28.55 3.89 13.35
CA ASP A 158 -29.76 3.42 14.01
C ASP A 158 -29.63 3.39 15.54
N ASN A 159 -28.40 3.37 16.04
CA ASN A 159 -28.15 3.18 17.47
C ASN A 159 -27.45 4.33 18.20
N VAL A 160 -27.76 5.56 17.82
CA VAL A 160 -27.20 6.73 18.51
C VAL A 160 -28.29 7.60 19.11
N GLY A 164 -25.30 9.91 22.73
CA GLY A 164 -25.38 11.15 21.99
C GLY A 164 -24.25 11.33 20.99
N GLY A 165 -23.52 10.26 20.75
CA GLY A 165 -22.39 10.30 19.83
C GLY A 165 -21.74 8.93 19.68
N LEU A 166 -21.05 8.73 18.56
CA LEU A 166 -20.48 7.42 18.26
C LEU A 166 -19.33 7.53 17.25
N LEU A 167 -18.21 6.93 17.57
CA LEU A 167 -17.07 6.85 16.65
C LEU A 167 -17.02 5.46 16.01
N VAL A 168 -17.22 5.40 14.70
CA VAL A 168 -17.11 4.13 13.98
C VAL A 168 -15.76 4.05 13.29
N GLY A 169 -14.94 3.10 13.72
CA GLY A 169 -13.68 2.83 13.05
C GLY A 169 -13.95 1.93 11.86
N LEU A 170 -13.73 2.47 10.66
CA LEU A 170 -13.96 1.69 9.45
C LEU A 170 -12.79 0.77 9.18
N PRO A 171 -13.05 -0.35 8.49
CA PRO A 171 -11.93 -1.20 8.05
C PRO A 171 -10.98 -0.44 7.10
N ARG A 172 -9.81 -1.02 6.85
CA ARG A 172 -8.71 -0.30 6.20
C ARG A 172 -9.05 0.35 4.87
N TYR A 173 -8.45 1.53 4.65
CA TYR A 173 -8.68 2.38 3.47
C TYR A 173 -10.00 2.22 2.73
N MET A 174 -11.08 2.56 3.41
CA MET A 174 -12.38 2.69 2.76
C MET A 174 -13.10 3.94 3.26
N GLU A 175 -14.00 4.46 2.43
CA GLU A 175 -14.81 5.60 2.82
C GLU A 175 -16.27 5.21 2.67
N VAL A 176 -17.15 5.94 3.34
CA VAL A 176 -18.57 5.76 3.12
C VAL A 176 -19.19 7.09 2.68
N GLU A 177 -20.22 7.01 1.86
CA GLU A 177 -20.99 8.19 1.47
C GLU A 177 -22.43 7.96 1.92
N ILE A 178 -23.05 8.98 2.48
CA ILE A 178 -24.44 8.86 2.88
C ILE A 178 -25.35 9.44 1.78
N LYS A 179 -26.33 8.65 1.35
CA LYS A 179 -27.39 9.13 0.47
C LYS A 179 -28.69 9.06 1.25
N LYS A 180 -29.76 9.61 0.69
CA LYS A 180 -31.02 9.69 1.43
C LYS A 180 -31.67 8.33 1.65
N ASP A 181 -31.36 7.38 0.77
CA ASP A 181 -32.00 6.07 0.81
C ASP A 181 -31.00 4.92 0.84
N LYS A 182 -29.71 5.25 0.95
CA LYS A 182 -28.67 4.23 0.94
C LYS A 182 -27.32 4.72 1.48
N ILE A 183 -26.46 3.77 1.81
CA ILE A 183 -25.10 4.04 2.22
C ILE A 183 -24.16 3.36 1.23
N ILE A 184 -23.17 4.11 0.73
CA ILE A 184 -22.23 3.56 -0.24
C ILE A 184 -20.85 3.43 0.39
N GLY A 185 -20.22 2.28 0.20
CA GLY A 185 -18.85 2.08 0.67
C GLY A 185 -17.94 1.89 -0.52
N LYS A 186 -16.73 2.42 -0.44
CA LYS A 186 -15.77 2.33 -1.53
C LYS A 186 -14.35 2.18 -1.00
N SER A 187 -13.58 1.29 -1.61
CA SER A 187 -12.18 1.16 -1.27
C SER A 187 -11.46 2.44 -1.70
N LEU A 188 -10.48 2.87 -0.92
CA LEU A 188 -9.71 4.06 -1.26
C LEU A 188 -8.47 3.69 -2.06
N ASP A 189 -8.22 2.39 -2.19
CA ASP A 189 -7.05 1.91 -2.92
C ASP A 189 -7.41 1.63 -4.38
N PRO A 190 -6.94 2.49 -5.30
CA PRO A 190 -7.20 2.30 -6.72
C PRO A 190 -6.53 1.05 -7.27
N ARG A 191 -5.55 0.51 -6.53
CA ARG A 191 -4.87 -0.71 -6.93
C ARG A 191 -5.78 -1.94 -6.87
N GLU A 192 -6.90 -1.80 -6.16
CA GLU A 192 -7.84 -2.91 -6.03
C GLU A 192 -8.83 -2.99 -7.19
N GLY A 193 -8.84 -1.96 -8.03
CA GLY A 193 -9.63 -1.98 -9.25
C GLY A 193 -11.05 -1.45 -9.10
N GLY A 194 -11.33 -0.75 -8.00
CA GLY A 194 -12.63 -0.14 -7.81
C GLY A 194 -13.65 -1.04 -7.15
N LEU A 195 -13.35 -1.48 -5.93
CA LEU A 195 -14.26 -2.31 -5.16
C LEU A 195 -15.20 -1.43 -4.33
N TYR A 196 -16.47 -1.82 -4.25
CA TYR A 196 -17.47 -0.99 -3.57
C TYR A 196 -18.68 -1.82 -3.16
N GLY A 197 -19.61 -1.18 -2.45
CA GLY A 197 -20.85 -1.81 -2.05
C GLY A 197 -21.91 -0.80 -1.70
N GLU A 198 -23.17 -1.21 -1.77
CA GLU A 198 -24.31 -0.34 -1.47
C GLU A 198 -25.32 -1.06 -0.59
N VAL A 199 -25.82 -0.38 0.42
CA VAL A 199 -26.89 -0.93 1.25
C VAL A 199 -28.02 0.08 1.41
N LYS A 200 -29.23 -0.32 1.03
CA LYS A 200 -30.40 0.53 1.19
C LYS A 200 -30.74 0.68 2.66
N THR A 201 -30.99 1.91 3.09
CA THR A 201 -31.45 2.16 4.45
C THR A 201 -32.19 3.49 4.53
N GLU A 202 -32.98 3.65 5.58
CA GLU A 202 -33.62 4.93 5.84
C GLU A 202 -32.75 5.70 6.85
N VAL A 203 -32.13 6.78 6.39
CA VAL A 203 -31.24 7.56 7.25
C VAL A 203 -32.03 8.40 8.25
N PRO A 204 -31.79 8.19 9.54
CA PRO A 204 -32.52 8.88 10.61
C PRO A 204 -32.17 10.37 10.72
N GLN A 205 -33.11 11.17 11.22
CA GLN A 205 -32.88 12.60 11.40
C GLN A 205 -32.29 12.88 12.77
N GLY A 206 -31.85 14.12 12.99
CA GLY A 206 -31.34 14.53 14.28
C GLY A 206 -29.88 14.18 14.54
N ILE A 207 -29.16 13.80 13.48
CA ILE A 207 -27.76 13.42 13.62
C ILE A 207 -26.88 14.01 12.53
N LYS A 208 -25.60 14.22 12.87
CA LYS A 208 -24.62 14.72 11.92
C LYS A 208 -23.53 13.67 11.74
N TRP A 209 -22.73 13.81 10.69
CA TRP A 209 -21.64 12.86 10.49
C TRP A 209 -20.40 13.51 9.88
N GLU A 210 -19.26 12.88 10.09
CA GLU A 210 -17.99 13.37 9.58
C GLU A 210 -17.08 12.17 9.31
N LEU A 211 -16.30 12.25 8.23
CA LEU A 211 -15.34 11.20 7.90
C LEU A 211 -13.95 11.81 7.96
N TYR A 212 -13.07 11.22 8.77
CA TYR A 212 -11.71 11.72 8.91
C TYR A 212 -10.74 10.60 9.30
N PRO A 213 -9.43 10.79 9.04
CA PRO A 213 -8.43 9.75 9.33
C PRO A 213 -8.30 9.42 10.82
N ASN A 214 -8.16 8.14 11.15
CA ASN A 214 -7.78 7.73 12.49
C ASN A 214 -6.33 8.12 12.70
N PRO A 215 -6.08 9.06 13.63
CA PRO A 215 -4.74 9.60 13.84
C PRO A 215 -3.77 8.57 14.37
N LEU A 216 -4.28 7.51 14.99
CA LEU A 216 -3.42 6.48 15.57
C LEU A 216 -3.18 5.32 14.61
N VAL A 217 -4.07 5.18 13.61
CA VAL A 217 -3.96 4.09 12.64
C VAL A 217 -4.01 4.61 11.20
N ARG A 218 -2.84 4.87 10.63
CA ARG A 218 -2.72 5.39 9.26
C ARG A 218 -3.46 4.49 8.27
N ARG A 219 -4.15 5.12 7.32
CA ARG A 219 -4.97 4.44 6.30
C ARG A 219 -6.31 3.89 6.80
N PHE A 220 -6.64 4.14 8.06
CA PHE A 220 -7.97 3.80 8.57
C PHE A 220 -8.77 5.07 8.80
N MET A 221 -9.98 5.11 8.27
CA MET A 221 -10.82 6.28 8.42
C MET A 221 -11.76 6.16 9.62
N VAL A 222 -12.16 7.29 10.18
CA VAL A 222 -13.13 7.31 11.26
C VAL A 222 -14.43 7.94 10.76
N PHE A 223 -15.54 7.25 10.96
CA PHE A 223 -16.85 7.84 10.69
C PHE A 223 -17.50 8.22 12.00
N GLU A 224 -17.51 9.50 12.32
CA GLU A 224 -18.05 9.98 13.59
C GLU A 224 -19.46 10.54 13.46
N ILE A 225 -20.36 10.06 14.32
CA ILE A 225 -21.73 10.54 14.34
C ILE A 225 -21.99 11.35 15.60
N THR A 226 -22.64 12.49 15.45
CA THR A 226 -22.96 13.37 16.56
C THR A 226 -24.45 13.69 16.54
N SER A 227 -25.09 13.64 17.71
CA SER A 227 -26.50 14.01 17.81
C SER A 227 -26.64 15.52 17.66
N LYS A 228 -27.70 15.96 17.00
CA LYS A 228 -27.94 17.38 16.75
C LYS A 228 -28.49 18.10 17.98
N SER A 229 -28.49 19.43 17.90
CA SER A 229 -29.16 20.30 18.86
C SER A 229 -28.69 20.14 20.30
N MET B 1 20.30 10.01 -15.65
CA MET B 1 20.86 8.67 -15.63
C MET B 1 20.12 7.74 -16.59
N ARG B 2 20.88 6.92 -17.32
CA ARG B 2 20.28 5.95 -18.23
C ARG B 2 20.38 4.56 -17.63
N ILE B 3 19.23 3.92 -17.46
CA ILE B 3 19.14 2.64 -16.76
C ILE B 3 18.51 1.56 -17.65
N VAL B 4 19.14 0.39 -17.67
CA VAL B 4 18.53 -0.78 -18.29
C VAL B 4 18.03 -1.68 -17.16
N ALA B 5 16.79 -2.13 -17.26
CA ALA B 5 16.25 -3.08 -16.29
C ALA B 5 15.44 -4.16 -16.97
N ALA B 6 15.19 -5.25 -16.25
CA ALA B 6 14.44 -6.38 -16.80
C ALA B 6 13.55 -7.01 -15.75
N ASP B 7 12.44 -7.60 -16.18
CA ASP B 7 11.55 -8.33 -15.29
C ASP B 7 10.68 -9.27 -16.12
N THR B 8 10.07 -10.25 -15.45
CA THR B 8 9.20 -11.21 -16.11
C THR B 8 7.79 -11.05 -15.57
N GLY B 9 6.80 -11.12 -16.46
CA GLY B 9 5.42 -10.90 -16.06
C GLY B 9 4.40 -11.44 -17.03
N GLY B 10 3.13 -11.30 -16.67
CA GLY B 10 2.05 -11.88 -17.45
C GLY B 10 1.97 -13.38 -17.22
N ALA B 11 0.77 -13.86 -16.90
CA ALA B 11 0.59 -15.27 -16.61
C ALA B 11 -0.67 -15.82 -17.27
N VAL B 12 -0.53 -16.94 -17.96
CA VAL B 12 -1.70 -17.65 -18.47
C VAL B 12 -2.39 -18.30 -17.28
N LEU B 13 -3.69 -18.04 -17.13
CA LEU B 13 -4.47 -18.57 -16.02
C LEU B 13 -5.36 -19.71 -16.51
N ASP B 14 -5.66 -20.65 -15.63
CA ASP B 14 -6.63 -21.69 -15.97
C ASP B 14 -8.05 -21.23 -15.66
N GLU B 15 -8.98 -22.18 -15.64
CA GLU B 15 -10.39 -21.89 -15.43
C GLU B 15 -10.68 -21.40 -14.02
N SER B 16 -9.76 -21.68 -13.09
CA SER B 16 -9.94 -21.30 -11.69
C SER B 16 -8.99 -20.17 -11.29
N PHE B 17 -8.57 -19.37 -12.26
CA PHE B 17 -7.66 -18.25 -12.03
C PHE B 17 -6.33 -18.64 -11.43
N GLN B 18 -5.93 -19.90 -11.61
CA GLN B 18 -4.63 -20.36 -11.16
C GLN B 18 -3.62 -20.28 -12.30
N PRO B 19 -2.44 -19.72 -12.02
CA PRO B 19 -1.38 -19.49 -13.01
C PRO B 19 -0.79 -20.78 -13.56
N VAL B 20 -0.65 -20.86 -14.89
CA VAL B 20 -0.04 -22.01 -15.54
C VAL B 20 1.45 -21.75 -15.77
N GLY B 21 1.75 -20.59 -16.32
CA GLY B 21 3.11 -20.18 -16.57
C GLY B 21 3.21 -18.73 -16.97
N LEU B 22 4.41 -18.16 -16.87
CA LEU B 22 4.61 -16.76 -17.23
C LEU B 22 4.73 -16.59 -18.74
N ILE B 23 4.49 -15.37 -19.22
CA ILE B 23 4.40 -15.13 -20.65
C ILE B 23 5.61 -14.38 -21.22
N ALA B 24 5.95 -13.25 -20.63
CA ALA B 24 6.96 -12.36 -21.22
C ALA B 24 8.07 -11.89 -20.28
N THR B 25 9.30 -11.97 -20.77
CA THR B 25 10.45 -11.33 -20.13
C THR B 25 10.84 -10.13 -20.98
N VAL B 26 10.98 -8.97 -20.36
CA VAL B 26 11.24 -7.73 -21.07
C VAL B 26 12.46 -7.02 -20.46
N ALA B 27 13.30 -6.43 -21.32
CA ALA B 27 14.35 -5.52 -20.88
C ALA B 27 14.01 -4.12 -21.38
N VAL B 28 14.15 -3.11 -20.52
CA VAL B 28 13.83 -1.74 -20.93
C VAL B 28 14.97 -0.76 -20.68
N LEU B 29 15.08 0.24 -21.55
CA LEU B 29 15.93 1.39 -21.28
C LEU B 29 15.07 2.50 -20.72
N VAL B 30 15.44 3.02 -19.55
CA VAL B 30 14.69 4.11 -18.94
C VAL B 30 15.61 5.30 -18.66
N GLU B 31 15.19 6.47 -19.11
CA GLU B 31 15.89 7.71 -18.79
C GLU B 31 14.91 8.71 -18.21
N LYS B 32 15.41 9.87 -17.80
CA LYS B 32 14.61 10.96 -17.26
C LYS B 32 13.45 11.29 -18.20
N PRO B 33 12.24 11.53 -17.64
CA PRO B 33 11.91 11.56 -16.20
C PRO B 33 11.44 10.24 -15.60
N TYR B 34 11.92 9.12 -16.13
CA TYR B 34 11.73 7.81 -15.49
C TYR B 34 10.27 7.40 -15.27
N LYS B 35 9.43 7.61 -16.28
CA LYS B 35 8.03 7.24 -16.19
C LYS B 35 7.68 6.12 -17.17
N THR B 36 8.51 5.98 -18.21
CA THR B 36 8.25 4.99 -19.25
C THR B 36 9.52 4.58 -19.97
N SER B 37 9.36 3.77 -21.01
CA SER B 37 10.48 3.35 -21.85
C SER B 37 10.08 3.44 -23.32
N LYS B 38 10.99 3.96 -24.13
CA LYS B 38 10.78 4.04 -25.57
C LYS B 38 11.69 3.05 -26.30
N ARG B 39 12.38 2.23 -25.50
CA ARG B 39 13.43 1.36 -26.02
C ARG B 39 13.47 0.06 -25.21
N PHE B 40 13.06 -1.05 -25.82
CA PHE B 40 12.91 -2.30 -25.09
C PHE B 40 13.05 -3.55 -25.95
N LEU B 41 13.29 -4.67 -25.28
CA LEU B 41 13.37 -5.99 -25.91
C LEU B 41 12.39 -6.93 -25.23
N VAL B 42 11.83 -7.88 -25.96
CA VAL B 42 10.96 -8.87 -25.36
C VAL B 42 11.38 -10.30 -25.71
N LYS B 43 11.34 -11.17 -24.71
CA LYS B 43 11.58 -12.60 -24.91
C LYS B 43 10.38 -13.37 -24.39
N TYR B 44 9.60 -13.94 -25.29
CA TYR B 44 8.44 -14.73 -24.89
C TYR B 44 8.86 -16.08 -24.33
N ALA B 45 8.43 -16.37 -23.11
CA ALA B 45 8.63 -17.68 -22.52
C ALA B 45 7.57 -18.62 -23.10
N ASP B 46 7.59 -19.89 -22.68
CA ASP B 46 6.54 -20.81 -23.08
C ASP B 46 5.61 -21.05 -21.90
N PRO B 47 4.44 -20.39 -21.92
CA PRO B 47 3.51 -20.32 -20.79
C PRO B 47 2.94 -21.67 -20.41
N TYR B 48 2.68 -22.52 -21.41
CA TYR B 48 1.96 -23.76 -21.18
C TYR B 48 2.80 -24.89 -20.58
N ASN B 49 4.11 -24.68 -20.48
CA ASN B 49 4.99 -25.60 -19.76
C ASN B 49 6.33 -24.98 -19.38
N ALA B 57 15.67 -17.70 -15.14
CA ALA B 57 14.49 -16.94 -14.74
C ALA B 57 14.90 -15.51 -14.41
N ILE B 58 15.58 -15.35 -13.28
CA ILE B 58 16.30 -14.11 -13.01
C ILE B 58 17.52 -14.12 -13.93
N ARG B 59 17.86 -15.31 -14.41
CA ARG B 59 18.91 -15.50 -15.39
C ARG B 59 18.47 -14.98 -16.77
N ASP B 60 17.24 -15.29 -17.16
CA ASP B 60 16.71 -14.83 -18.43
C ASP B 60 16.53 -13.32 -18.46
N GLU B 61 16.25 -12.74 -17.29
CA GLU B 61 16.15 -11.29 -17.16
C GLU B 61 17.52 -10.63 -17.29
N ILE B 62 18.51 -11.14 -16.56
CA ILE B 62 19.85 -10.56 -16.59
C ILE B 62 20.52 -10.70 -17.95
N GLU B 63 20.21 -11.80 -18.66
CA GLU B 63 20.77 -12.01 -19.98
C GLU B 63 20.19 -11.03 -21.00
N LEU B 64 18.87 -10.90 -20.99
CA LEU B 64 18.20 -9.97 -21.89
C LEU B 64 18.59 -8.53 -21.59
N ALA B 65 18.79 -8.23 -20.31
CA ALA B 65 19.25 -6.92 -19.89
C ALA B 65 20.63 -6.60 -20.48
N ILE B 66 21.54 -7.57 -20.37
CA ILE B 66 22.89 -7.43 -20.90
C ILE B 66 22.87 -7.20 -22.41
N GLU B 67 21.98 -7.91 -23.10
CA GLU B 67 21.85 -7.80 -24.55
C GLU B 67 21.40 -6.39 -24.94
N LEU B 68 20.49 -5.82 -24.16
CA LEU B 68 20.02 -4.46 -24.41
C LEU B 68 21.11 -3.45 -24.05
N ALA B 69 21.81 -3.74 -22.96
CA ALA B 69 22.84 -2.83 -22.45
C ALA B 69 23.99 -2.65 -23.45
N ARG B 70 24.33 -3.71 -24.17
CA ARG B 70 25.39 -3.64 -25.17
C ARG B 70 24.94 -2.80 -26.36
N GLU B 71 23.63 -2.69 -26.54
CA GLU B 71 23.06 -1.92 -27.63
C GLU B 71 22.93 -0.43 -27.31
N VAL B 72 22.67 -0.11 -26.05
CA VAL B 72 22.37 1.28 -25.67
C VAL B 72 23.34 1.90 -24.67
N SER B 73 24.29 1.11 -24.18
CA SER B 73 25.30 1.57 -23.22
C SER B 73 24.76 2.42 -22.07
N PRO B 74 23.99 1.80 -21.17
CA PRO B 74 23.40 2.53 -20.05
C PRO B 74 24.42 2.77 -18.95
N ASP B 75 24.09 3.62 -17.99
CA ASP B 75 24.98 3.91 -16.88
C ASP B 75 24.99 2.77 -15.86
N VAL B 76 23.92 1.98 -15.84
CA VAL B 76 23.75 0.93 -14.84
C VAL B 76 22.67 -0.06 -15.27
N ILE B 77 22.75 -1.30 -14.77
CA ILE B 77 21.68 -2.27 -14.97
C ILE B 77 20.98 -2.60 -13.65
N HIS B 78 19.65 -2.49 -13.64
CA HIS B 78 18.86 -2.84 -12.46
C HIS B 78 18.30 -4.25 -12.62
N LEU B 79 18.56 -5.12 -11.64
CA LEU B 79 17.95 -6.45 -11.67
C LEU B 79 16.92 -6.64 -10.58
N ASP B 80 15.96 -7.52 -10.83
CA ASP B 80 14.87 -7.74 -9.89
C ASP B 80 15.31 -8.60 -8.70
N SER B 81 16.11 -7.98 -7.82
CA SER B 81 16.50 -8.57 -6.56
C SER B 81 16.57 -7.44 -5.55
N THR B 82 15.82 -7.55 -4.46
CA THR B 82 15.76 -6.47 -3.49
C THR B 82 16.88 -6.58 -2.45
N LEU B 83 18.00 -5.91 -2.74
CA LEU B 83 19.16 -5.94 -1.84
C LEU B 83 19.74 -4.54 -1.61
N GLY B 84 18.88 -3.53 -1.60
CA GLY B 84 19.29 -2.18 -1.28
C GLY B 84 20.17 -1.51 -2.32
N GLY B 85 20.26 -2.11 -3.50
CA GLY B 85 21.03 -1.53 -4.59
C GLY B 85 22.50 -1.88 -4.56
N ILE B 86 22.83 -2.98 -3.92
CA ILE B 86 24.22 -3.44 -3.85
C ILE B 86 24.69 -3.98 -5.19
N GLU B 87 25.92 -3.64 -5.60
CA GLU B 87 26.48 -4.17 -6.84
C GLU B 87 26.58 -5.69 -6.75
N VAL B 88 26.06 -6.37 -7.76
CA VAL B 88 26.03 -7.82 -7.77
C VAL B 88 27.44 -8.44 -7.76
N ARG B 89 28.42 -7.72 -8.28
CA ARG B 89 29.81 -8.20 -8.24
C ARG B 89 30.44 -8.07 -6.85
N LYS B 90 29.88 -7.19 -6.03
CA LYS B 90 30.37 -6.98 -4.67
C LYS B 90 29.39 -7.52 -3.65
N LEU B 91 28.77 -8.66 -3.95
CA LEU B 91 27.80 -9.28 -3.04
C LEU B 91 28.47 -9.82 -1.79
N GLU B 111 18.91 -13.29 -1.77
CA GLU B 111 20.35 -13.35 -1.98
C GLU B 111 20.75 -14.65 -2.69
N LEU B 112 19.80 -15.24 -3.41
CA LEU B 112 20.12 -16.38 -4.27
C LEU B 112 20.90 -15.85 -5.45
N SER B 113 20.75 -14.54 -5.68
CA SER B 113 21.39 -13.85 -6.81
C SER B 113 22.91 -13.75 -6.69
N LYS B 114 23.51 -14.48 -5.77
CA LYS B 114 24.96 -14.64 -5.75
C LYS B 114 25.37 -15.51 -6.94
N ASP B 115 24.39 -16.20 -7.51
CA ASP B 115 24.58 -16.96 -8.73
C ASP B 115 25.01 -16.07 -9.90
N LEU B 116 24.74 -14.77 -9.78
CA LEU B 116 25.01 -13.82 -10.85
C LEU B 116 26.22 -12.93 -10.59
N GLN B 117 26.82 -13.05 -9.40
CA GLN B 117 28.02 -12.28 -9.06
C GLN B 117 29.16 -12.42 -10.08
N PRO B 118 29.55 -13.66 -10.45
CA PRO B 118 30.65 -13.77 -11.42
C PRO B 118 30.26 -13.18 -12.76
N LEU B 119 28.99 -13.32 -13.13
CA LEU B 119 28.47 -12.70 -14.35
C LEU B 119 28.55 -11.19 -14.27
N ALA B 120 28.20 -10.64 -13.10
CA ALA B 120 28.30 -9.21 -12.86
C ALA B 120 29.76 -8.74 -12.94
N LYS B 121 30.66 -9.56 -12.39
CA LYS B 121 32.09 -9.23 -12.38
C LYS B 121 32.67 -9.09 -13.79
N LYS B 122 32.43 -10.09 -14.63
CA LYS B 122 33.02 -10.08 -15.96
C LYS B 122 32.36 -9.07 -16.89
N PHE B 123 31.08 -8.77 -16.64
CA PHE B 123 30.40 -7.79 -17.46
C PHE B 123 30.92 -6.39 -17.17
N TRP B 124 31.20 -6.11 -15.90
CA TRP B 124 31.79 -4.84 -15.50
C TRP B 124 33.16 -4.67 -16.15
N GLU B 125 33.96 -5.73 -16.13
CA GLU B 125 35.29 -5.72 -16.70
C GLU B 125 35.25 -5.44 -18.20
N GLU B 126 34.18 -5.91 -18.85
CA GLU B 126 34.03 -5.75 -20.29
C GLU B 126 33.50 -4.37 -20.69
N THR B 127 32.58 -3.83 -19.89
CA THR B 127 31.81 -2.67 -20.32
C THR B 127 31.86 -1.48 -19.36
N GLY B 128 32.16 -1.74 -18.10
CA GLY B 128 32.14 -0.70 -17.08
C GLY B 128 30.76 -0.49 -16.50
N ILE B 129 29.82 -1.35 -16.88
CA ILE B 129 28.44 -1.27 -16.40
C ILE B 129 28.25 -2.07 -15.12
N GLU B 130 27.74 -1.42 -14.07
CA GLU B 130 27.43 -2.09 -12.82
C GLU B 130 26.05 -2.74 -12.93
N ILE B 131 25.96 -4.00 -12.54
CA ILE B 131 24.67 -4.66 -12.39
C ILE B 131 24.34 -4.68 -10.90
N ILE B 132 23.26 -4.00 -10.52
CA ILE B 132 22.93 -3.84 -9.11
C ILE B 132 21.62 -4.52 -8.70
N ALA B 133 21.62 -5.14 -7.53
CA ALA B 133 20.43 -5.79 -7.00
C ALA B 133 19.57 -4.78 -6.25
N ILE B 134 18.64 -4.17 -6.96
CA ILE B 134 17.81 -3.11 -6.40
C ILE B 134 16.35 -3.54 -6.31
N GLY B 135 15.94 -4.43 -7.20
CA GLY B 135 14.64 -5.09 -7.14
C GLY B 135 13.42 -4.19 -7.04
N LYS B 136 12.59 -4.45 -6.04
CA LYS B 136 11.31 -3.77 -5.87
C LYS B 136 11.46 -2.28 -5.59
N SER B 137 12.68 -1.84 -5.33
CA SER B 137 12.96 -0.43 -5.11
C SER B 137 13.18 0.32 -6.43
N SER B 138 13.30 -0.43 -7.52
CA SER B 138 13.62 0.16 -8.82
C SER B 138 12.40 0.52 -9.66
N VAL B 139 12.37 1.75 -10.12
CA VAL B 139 11.36 2.19 -11.07
C VAL B 139 11.50 1.52 -12.45
N PRO B 140 12.74 1.47 -13.02
CA PRO B 140 12.88 0.78 -14.30
C PRO B 140 12.46 -0.70 -14.27
N VAL B 141 12.73 -1.42 -13.18
CA VAL B 141 12.25 -2.78 -13.03
C VAL B 141 10.72 -2.83 -13.10
N ARG B 142 10.07 -1.92 -12.39
CA ARG B 142 8.62 -1.80 -12.43
C ARG B 142 8.11 -1.47 -13.84
N ILE B 143 8.84 -0.59 -14.53
CA ILE B 143 8.50 -0.26 -15.91
C ILE B 143 8.64 -1.47 -16.83
N ALA B 144 9.70 -2.24 -16.63
CA ALA B 144 9.89 -3.50 -17.35
C ALA B 144 8.73 -4.45 -17.09
N GLU B 145 8.24 -4.46 -15.85
CA GLU B 145 7.15 -5.34 -15.47
C GLU B 145 5.85 -4.94 -16.16
N ILE B 146 5.59 -3.64 -16.22
CA ILE B 146 4.42 -3.12 -16.92
C ILE B 146 4.46 -3.50 -18.40
N TYR B 147 5.62 -3.36 -19.02
CA TYR B 147 5.78 -3.75 -20.43
C TYR B 147 5.58 -5.24 -20.64
N ALA B 148 5.99 -6.05 -19.66
CA ALA B 148 5.75 -7.48 -19.70
C ALA B 148 4.24 -7.75 -19.76
N GLY B 149 3.49 -7.00 -18.96
CA GLY B 149 2.04 -7.05 -18.98
C GLY B 149 1.49 -6.67 -20.34
N ILE B 150 2.04 -5.60 -20.92
CA ILE B 150 1.62 -5.16 -22.24
C ILE B 150 1.91 -6.21 -23.30
N PHE B 151 3.11 -6.77 -23.29
CA PHE B 151 3.50 -7.79 -24.25
C PHE B 151 2.75 -9.10 -24.02
N SER B 152 2.30 -9.31 -22.79
CA SER B 152 1.45 -10.46 -22.47
C SER B 152 0.09 -10.31 -23.14
N VAL B 153 -0.45 -9.09 -23.15
CA VAL B 153 -1.71 -8.80 -23.85
C VAL B 153 -1.52 -8.94 -25.36
N LYS B 154 -0.40 -8.41 -25.87
CA LYS B 154 -0.07 -8.54 -27.28
C LYS B 154 0.00 -10.01 -27.68
N TRP B 155 0.63 -10.82 -26.84
CA TRP B 155 0.69 -12.26 -27.04
C TRP B 155 -0.71 -12.83 -27.10
N ALA B 156 -1.58 -12.35 -26.22
CA ALA B 156 -2.96 -12.83 -26.16
C ALA B 156 -3.73 -12.43 -27.42
N LEU B 157 -3.51 -11.20 -27.88
CA LEU B 157 -4.14 -10.70 -29.10
C LEU B 157 -3.76 -11.56 -30.30
N ASP B 158 -2.51 -12.04 -30.29
CA ASP B 158 -1.95 -12.75 -31.44
C ASP B 158 -2.08 -14.28 -31.36
N ASN B 159 -2.73 -14.76 -30.30
CA ASN B 159 -2.91 -16.19 -30.10
C ASN B 159 -4.38 -16.58 -29.89
N VAL B 160 -5.23 -15.60 -29.62
CA VAL B 160 -6.64 -15.86 -29.29
C VAL B 160 -7.41 -16.46 -30.47
N GLY B 164 -9.31 -20.23 -28.49
CA GLY B 164 -10.42 -19.34 -28.76
C GLY B 164 -10.75 -18.44 -27.58
N GLY B 165 -10.09 -18.68 -26.46
CA GLY B 165 -10.26 -17.87 -25.28
C GLY B 165 -9.05 -17.95 -24.36
N LEU B 166 -8.64 -16.80 -23.83
CA LEU B 166 -7.49 -16.74 -22.93
C LEU B 166 -7.81 -15.99 -21.65
N LEU B 167 -7.19 -16.42 -20.56
CA LEU B 167 -7.15 -15.64 -19.33
C LEU B 167 -5.70 -15.28 -19.05
N VAL B 168 -5.37 -14.00 -19.14
CA VAL B 168 -4.01 -13.56 -18.82
C VAL B 168 -4.00 -12.82 -17.49
N GLY B 169 -3.24 -13.33 -16.52
CA GLY B 169 -3.04 -12.64 -15.27
C GLY B 169 -1.98 -11.58 -15.45
N LEU B 170 -2.36 -10.31 -15.23
CA LEU B 170 -1.42 -9.21 -15.39
C LEU B 170 -0.56 -9.04 -14.14
N PRO B 171 0.61 -8.38 -14.29
CA PRO B 171 1.43 -8.03 -13.13
C PRO B 171 0.64 -7.16 -12.15
N ARG B 172 1.13 -7.01 -10.93
CA ARG B 172 0.39 -6.32 -9.86
C ARG B 172 -0.08 -4.93 -10.25
N TYR B 173 -1.33 -4.63 -9.88
CA TYR B 173 -2.00 -3.35 -10.11
C TYR B 173 -1.57 -2.56 -11.35
N MET B 174 -1.90 -3.10 -12.52
CA MET B 174 -1.77 -2.37 -13.76
C MET B 174 -2.98 -2.68 -14.62
N GLU B 175 -3.39 -1.70 -15.43
CA GLU B 175 -4.47 -1.93 -16.37
C GLU B 175 -3.93 -1.65 -17.76
N VAL B 176 -4.66 -2.09 -18.78
CA VAL B 176 -4.29 -1.74 -20.15
C VAL B 176 -5.44 -1.08 -20.88
N GLU B 177 -5.09 -0.25 -21.86
CA GLU B 177 -6.06 0.24 -22.83
C GLU B 177 -5.65 -0.31 -24.18
N ILE B 178 -6.62 -0.69 -25.00
CA ILE B 178 -6.31 -1.19 -26.32
C ILE B 178 -6.90 -0.27 -27.39
N LYS B 179 -6.02 0.33 -28.19
CA LYS B 179 -6.48 1.16 -29.30
C LYS B 179 -6.25 0.43 -30.62
N LYS B 180 -6.57 1.08 -31.72
CA LYS B 180 -6.52 0.43 -33.03
C LYS B 180 -5.14 -0.11 -33.40
N ASP B 181 -4.10 0.65 -33.03
CA ASP B 181 -2.75 0.34 -33.47
C ASP B 181 -1.76 0.18 -32.33
N LYS B 182 -2.24 0.26 -31.09
CA LYS B 182 -1.34 0.16 -29.94
C LYS B 182 -2.03 -0.24 -28.63
N ILE B 183 -1.25 -0.84 -27.75
CA ILE B 183 -1.69 -1.16 -26.40
C ILE B 183 -1.00 -0.21 -25.43
N ILE B 184 -1.74 0.29 -24.45
CA ILE B 184 -1.16 1.18 -23.45
C ILE B 184 -1.24 0.48 -22.09
N GLY B 185 -0.15 0.55 -21.33
CA GLY B 185 -0.13 -0.03 -20.00
C GLY B 185 0.11 1.05 -18.96
N LYS B 186 -0.61 0.99 -17.84
CA LYS B 186 -0.48 1.97 -16.78
C LYS B 186 -0.58 1.34 -15.40
N SER B 187 0.28 1.79 -14.49
CA SER B 187 0.21 1.34 -13.10
C SER B 187 -1.02 1.93 -12.43
N LEU B 188 -1.67 1.14 -11.57
CA LEU B 188 -2.86 1.58 -10.85
C LEU B 188 -2.52 2.35 -9.58
N ASP B 189 -1.22 2.40 -9.26
CA ASP B 189 -0.76 3.02 -8.01
C ASP B 189 -0.24 4.42 -8.27
N PRO B 190 -1.01 5.45 -7.84
CA PRO B 190 -0.60 6.84 -8.03
C PRO B 190 0.63 7.19 -7.21
N ARG B 191 0.97 6.35 -6.24
CA ARG B 191 2.17 6.54 -5.44
C ARG B 191 3.44 6.36 -6.29
N GLU B 192 3.32 5.63 -7.39
CA GLU B 192 4.46 5.37 -8.27
C GLU B 192 4.76 6.54 -9.21
N GLY B 193 3.85 7.51 -9.25
CA GLY B 193 4.10 8.75 -9.96
C GLY B 193 3.71 8.78 -11.43
N GLY B 194 2.86 7.85 -11.85
CA GLY B 194 2.36 7.84 -13.21
C GLY B 194 3.23 7.06 -14.18
N LEU B 195 3.57 5.83 -13.81
CA LEU B 195 4.37 4.96 -14.66
C LEU B 195 3.49 4.34 -15.75
N TYR B 196 4.00 4.29 -16.96
CA TYR B 196 3.21 3.78 -18.09
C TYR B 196 4.05 3.15 -19.17
N GLY B 197 3.40 2.44 -20.08
CA GLY B 197 4.07 1.80 -21.20
C GLY B 197 3.22 1.88 -22.44
N GLU B 198 3.82 1.62 -23.60
CA GLU B 198 3.12 1.75 -24.87
C GLU B 198 3.80 0.89 -25.93
N VAL B 199 3.01 0.02 -26.57
CA VAL B 199 3.54 -0.83 -27.63
C VAL B 199 2.66 -0.77 -28.88
N LYS B 200 3.24 -0.32 -29.99
CA LYS B 200 2.57 -0.35 -31.27
C LYS B 200 2.42 -1.81 -31.73
N THR B 201 1.21 -2.17 -32.15
CA THR B 201 0.95 -3.52 -32.65
C THR B 201 -0.35 -3.54 -33.45
N GLU B 202 -0.49 -4.51 -34.33
CA GLU B 202 -1.73 -4.63 -35.09
C GLU B 202 -2.79 -5.31 -34.23
N VAL B 203 -3.87 -4.60 -33.96
CA VAL B 203 -4.99 -5.16 -33.20
C VAL B 203 -6.01 -5.74 -34.18
N PRO B 204 -6.19 -7.07 -34.13
CA PRO B 204 -7.10 -7.77 -35.04
C PRO B 204 -8.56 -7.44 -34.77
N GLN B 205 -9.40 -7.52 -35.80
CA GLN B 205 -10.85 -7.43 -35.61
C GLN B 205 -11.37 -8.78 -35.16
N GLY B 206 -12.63 -8.84 -34.77
CA GLY B 206 -13.24 -10.10 -34.38
C GLY B 206 -12.71 -10.64 -33.06
N ILE B 207 -12.47 -9.74 -32.12
CA ILE B 207 -12.13 -10.14 -30.76
C ILE B 207 -12.99 -9.41 -29.74
N LYS B 208 -13.03 -9.95 -28.52
CA LYS B 208 -13.74 -9.35 -27.41
C LYS B 208 -12.85 -9.48 -26.19
N TRP B 209 -12.48 -8.34 -25.61
CA TRP B 209 -11.65 -8.36 -24.41
C TRP B 209 -12.32 -7.60 -23.27
N GLU B 210 -11.93 -7.96 -22.06
CA GLU B 210 -12.34 -7.23 -20.87
C GLU B 210 -11.27 -7.36 -19.80
N LEU B 211 -11.35 -6.47 -18.81
CA LEU B 211 -10.34 -6.36 -17.78
C LEU B 211 -11.09 -6.29 -16.45
N TYR B 212 -10.71 -7.14 -15.50
CA TYR B 212 -11.38 -7.19 -14.21
C TYR B 212 -10.45 -7.76 -13.14
N PRO B 213 -10.72 -7.44 -11.86
CA PRO B 213 -9.90 -7.96 -10.75
C PRO B 213 -9.81 -9.48 -10.70
N ASN B 214 -8.62 -10.00 -10.39
CA ASN B 214 -8.45 -11.42 -10.12
C ASN B 214 -9.02 -11.69 -8.74
N PRO B 215 -10.10 -12.49 -8.66
CA PRO B 215 -10.78 -12.75 -7.39
C PRO B 215 -9.90 -13.43 -6.35
N LEU B 216 -8.89 -14.17 -6.82
CA LEU B 216 -8.03 -14.95 -5.93
C LEU B 216 -6.81 -14.15 -5.49
N VAL B 217 -6.41 -13.18 -6.31
CA VAL B 217 -5.21 -12.39 -6.04
C VAL B 217 -5.52 -10.89 -6.03
N ARG B 218 -5.72 -10.36 -4.82
CA ARG B 218 -6.07 -8.96 -4.62
C ARG B 218 -5.00 -8.04 -5.21
N ARG B 219 -5.45 -6.97 -5.87
CA ARG B 219 -4.60 -5.99 -6.56
C ARG B 219 -4.03 -6.45 -7.91
N PHE B 220 -4.38 -7.66 -8.33
CA PHE B 220 -3.97 -8.15 -9.64
C PHE B 220 -5.18 -8.17 -10.57
N MET B 221 -5.00 -7.71 -11.81
CA MET B 221 -6.08 -7.67 -12.77
C MET B 221 -5.98 -8.86 -13.73
N VAL B 222 -7.11 -9.25 -14.32
CA VAL B 222 -7.15 -10.30 -15.31
C VAL B 222 -7.52 -9.70 -16.67
N PHE B 223 -6.77 -10.06 -17.70
CA PHE B 223 -7.13 -9.70 -19.06
C PHE B 223 -7.73 -10.92 -19.73
N GLU B 224 -9.06 -10.92 -19.90
CA GLU B 224 -9.75 -12.02 -20.56
C GLU B 224 -10.09 -11.66 -22.00
N ILE B 225 -9.72 -12.54 -22.92
CA ILE B 225 -9.94 -12.28 -24.33
C ILE B 225 -10.62 -13.46 -25.05
N THR B 226 -11.51 -13.13 -25.97
CA THR B 226 -12.30 -14.13 -26.69
C THR B 226 -12.34 -13.78 -28.18
N SER B 227 -12.16 -14.78 -29.03
CA SER B 227 -12.27 -14.57 -30.46
C SER B 227 -13.72 -14.73 -30.91
N LYS B 228 -14.24 -13.74 -31.63
CA LYS B 228 -15.62 -13.79 -32.11
C LYS B 228 -15.73 -14.62 -33.38
N MET C 1 -8.04 14.29 19.69
CA MET C 1 -7.00 14.65 20.65
C MET C 1 -6.00 15.61 20.03
N ARG C 2 -5.09 16.14 20.84
CA ARG C 2 -4.07 17.07 20.36
C ARG C 2 -2.70 16.40 20.39
N ILE C 3 -2.11 16.24 19.20
CA ILE C 3 -0.89 15.46 19.05
C ILE C 3 0.27 16.26 18.45
N VAL C 4 1.44 16.15 19.06
CA VAL C 4 2.67 16.68 18.47
C VAL C 4 3.51 15.53 17.92
N ALA C 5 3.94 15.65 16.67
CA ALA C 5 4.80 14.63 16.06
C ALA C 5 5.97 15.29 15.34
N ALA C 6 7.03 14.52 15.13
CA ALA C 6 8.20 15.01 14.43
C ALA C 6 8.73 13.98 13.46
N ASP C 7 9.47 14.45 12.45
CA ASP C 7 10.18 13.56 11.54
C ASP C 7 11.21 14.36 10.76
N THR C 8 12.15 13.65 10.14
CA THR C 8 13.16 14.29 9.31
C THR C 8 13.06 13.72 7.91
N GLY C 9 12.91 14.60 6.92
CA GLY C 9 12.73 14.19 5.54
C GLY C 9 13.34 15.18 4.58
N GLY C 10 13.54 14.74 3.34
CA GLY C 10 14.23 15.56 2.35
C GLY C 10 15.71 15.24 2.33
N ALA C 11 16.18 14.73 1.19
CA ALA C 11 17.58 14.34 1.06
C ALA C 11 18.21 14.91 -0.20
N VAL C 12 19.32 15.64 -0.01
CA VAL C 12 20.13 16.08 -1.15
C VAL C 12 20.73 14.84 -1.81
N LEU C 13 20.50 14.68 -3.11
CA LEU C 13 20.99 13.51 -3.83
C LEU C 13 22.20 13.84 -4.70
N ASP C 14 23.05 12.83 -4.96
CA ASP C 14 24.18 13.01 -5.87
C ASP C 14 23.77 12.71 -7.31
N GLU C 15 24.77 12.47 -8.16
CA GLU C 15 24.52 12.16 -9.56
C GLU C 15 23.94 10.77 -9.73
N SER C 16 24.25 9.88 -8.80
CA SER C 16 23.74 8.52 -8.86
C SER C 16 22.46 8.35 -8.03
N PHE C 17 21.76 9.46 -7.80
CA PHE C 17 20.52 9.49 -7.04
C PHE C 17 20.64 8.92 -5.62
N GLN C 18 21.86 8.85 -5.11
CA GLN C 18 22.08 8.39 -3.75
C GLN C 18 22.22 9.58 -2.80
N PRO C 19 21.56 9.49 -1.63
CA PRO C 19 21.53 10.61 -0.68
C PRO C 19 22.88 10.87 -0.02
N VAL C 20 23.26 12.13 0.05
CA VAL C 20 24.47 12.51 0.78
C VAL C 20 24.11 12.90 2.22
N GLY C 21 22.90 13.45 2.39
CA GLY C 21 22.43 13.87 3.70
C GLY C 21 21.01 14.39 3.74
N LEU C 22 20.47 14.55 4.94
CA LEU C 22 19.09 15.01 5.12
C LEU C 22 19.00 16.53 5.30
N ILE C 23 17.81 17.08 5.03
CA ILE C 23 17.65 18.53 4.99
C ILE C 23 16.81 19.11 6.14
N ALA C 24 15.56 18.66 6.26
CA ALA C 24 14.60 19.31 7.17
C ALA C 24 14.03 18.38 8.25
N THR C 25 14.05 18.87 9.49
CA THR C 25 13.37 18.22 10.61
C THR C 25 12.22 19.10 11.06
N VAL C 26 11.02 18.51 11.18
CA VAL C 26 9.82 19.28 11.48
C VAL C 26 9.01 18.69 12.63
N ALA C 27 8.62 19.53 13.58
CA ALA C 27 7.67 19.14 14.61
C ALA C 27 6.31 19.76 14.30
N VAL C 28 5.24 18.97 14.32
CA VAL C 28 3.92 19.48 14.00
C VAL C 28 2.93 19.32 15.14
N LEU C 29 1.97 20.24 15.24
CA LEU C 29 0.81 20.06 16.09
C LEU C 29 -0.37 19.66 15.23
N VAL C 30 -0.99 18.52 15.54
CA VAL C 30 -2.13 18.04 14.75
C VAL C 30 -3.37 17.87 15.63
N GLU C 31 -4.49 18.41 15.16
CA GLU C 31 -5.77 18.23 15.85
C GLU C 31 -6.79 17.71 14.85
N LYS C 32 -8.01 17.45 15.34
CA LYS C 32 -9.11 17.02 14.47
C LYS C 32 -9.31 18.05 13.35
N PRO C 33 -9.55 17.58 12.11
CA PRO C 33 -9.76 16.21 11.65
C PRO C 33 -8.50 15.47 11.20
N TYR C 34 -7.32 15.92 11.66
CA TYR C 34 -6.07 15.19 11.45
C TYR C 34 -5.67 15.01 9.99
N LYS C 35 -5.71 16.09 9.22
CA LYS C 35 -5.30 16.04 7.82
C LYS C 35 -4.08 16.91 7.57
N THR C 36 -3.92 17.95 8.37
CA THR C 36 -2.80 18.87 8.23
C THR C 36 -2.38 19.46 9.58
N SER C 37 -1.44 20.40 9.54
CA SER C 37 -0.99 21.10 10.73
C SER C 37 -0.96 22.60 10.47
N LYS C 38 -1.49 23.38 11.41
CA LYS C 38 -1.50 24.83 11.30
C LYS C 38 -0.41 25.44 12.18
N ARG C 39 0.19 24.61 13.02
CA ARG C 39 1.17 25.05 14.00
C ARG C 39 2.35 24.07 14.02
N PHE C 40 3.52 24.54 13.61
CA PHE C 40 4.68 23.67 13.42
C PHE C 40 6.02 24.39 13.54
N LEU C 41 7.07 23.63 13.80
CA LEU C 41 8.42 24.16 13.88
C LEU C 41 9.32 23.40 12.91
N VAL C 42 10.38 24.05 12.42
CA VAL C 42 11.32 23.41 11.52
C VAL C 42 12.76 23.69 11.95
N LYS C 43 13.62 22.69 11.80
CA LYS C 43 15.05 22.85 12.01
C LYS C 43 15.80 22.27 10.83
N TYR C 44 16.69 23.07 10.25
CA TYR C 44 17.46 22.61 9.10
C TYR C 44 18.81 22.02 9.56
N ALA C 45 19.19 20.92 8.93
CA ALA C 45 20.49 20.33 9.20
C ALA C 45 21.47 20.75 8.11
N ASP C 46 22.72 20.35 8.25
CA ASP C 46 23.69 20.50 7.18
C ASP C 46 23.74 19.19 6.41
N PRO C 47 23.11 19.16 5.23
CA PRO C 47 23.01 17.93 4.44
C PRO C 47 24.38 17.45 3.93
N TYR C 48 25.32 18.37 3.75
CA TYR C 48 26.63 18.04 3.20
C TYR C 48 27.62 17.57 4.26
N ASN C 49 27.18 17.55 5.51
CA ASN C 49 27.97 17.01 6.61
C ASN C 49 27.05 16.29 7.58
N TYR C 50 26.35 15.28 7.06
CA TYR C 50 25.26 14.66 7.79
C TYR C 50 25.57 13.26 8.28
N ASP C 51 25.06 12.94 9.47
CA ASP C 51 25.13 11.60 10.01
C ASP C 51 24.04 10.74 9.39
N LEU C 52 24.35 10.08 8.28
CA LEU C 52 23.39 9.27 7.53
C LEU C 52 22.91 8.02 8.28
N SER C 53 23.50 7.75 9.44
CA SER C 53 23.15 6.58 10.24
C SER C 53 21.71 6.67 10.78
N GLY C 54 21.30 7.88 11.14
CA GLY C 54 19.95 8.09 11.63
C GLY C 54 19.91 8.60 13.06
N ARG C 55 21.05 8.53 13.75
CA ARG C 55 21.14 8.98 15.13
C ARG C 55 20.86 10.48 15.24
N GLN C 56 21.46 11.26 14.36
CA GLN C 56 21.30 12.72 14.38
C GLN C 56 19.85 13.15 14.16
N ALA C 57 19.20 12.56 13.16
CA ALA C 57 17.82 12.88 12.83
C ALA C 57 16.89 12.66 14.00
N ILE C 58 16.98 11.48 14.61
CA ILE C 58 16.07 11.12 15.70
C ILE C 58 16.30 11.98 16.95
N ARG C 59 17.55 12.41 17.16
CA ARG C 59 17.86 13.34 18.24
C ARG C 59 17.19 14.69 17.95
N ASP C 60 17.38 15.18 16.73
CA ASP C 60 16.74 16.41 16.28
C ASP C 60 15.23 16.29 16.36
N GLU C 61 14.71 15.12 15.99
CA GLU C 61 13.26 14.88 16.01
C GLU C 61 12.67 14.99 17.41
N ILE C 62 13.26 14.29 18.38
CA ILE C 62 12.72 14.29 19.73
C ILE C 62 12.94 15.63 20.44
N GLU C 63 14.07 16.28 20.17
CA GLU C 63 14.35 17.58 20.76
C GLU C 63 13.32 18.61 20.28
N LEU C 64 13.06 18.60 18.98
CA LEU C 64 12.16 19.56 18.37
C LEU C 64 10.71 19.31 18.79
N ALA C 65 10.34 18.03 18.90
CA ALA C 65 9.02 17.66 19.35
C ALA C 65 8.77 18.18 20.76
N ILE C 66 9.72 17.89 21.65
CA ILE C 66 9.67 18.37 23.03
C ILE C 66 9.51 19.89 23.09
N GLU C 67 10.27 20.60 22.27
CA GLU C 67 10.24 22.06 22.24
C GLU C 67 8.84 22.57 21.87
N LEU C 68 8.28 22.04 20.80
CA LEU C 68 6.95 22.44 20.37
C LEU C 68 5.92 22.07 21.44
N ALA C 69 6.09 20.88 22.01
CA ALA C 69 5.20 20.40 23.05
C ALA C 69 5.14 21.33 24.27
N ARG C 70 6.27 21.94 24.63
CA ARG C 70 6.31 22.87 25.75
C ARG C 70 5.43 24.09 25.51
N GLU C 71 5.29 24.46 24.24
CA GLU C 71 4.54 25.65 23.88
C GLU C 71 3.05 25.39 23.79
N VAL C 72 2.68 24.28 23.16
CA VAL C 72 1.29 24.00 22.84
C VAL C 72 0.63 22.99 23.79
N SER C 73 1.43 22.33 24.61
CA SER C 73 0.93 21.39 25.62
C SER C 73 0.00 20.32 25.04
N PRO C 74 0.53 19.41 24.22
CA PRO C 74 -0.31 18.41 23.57
C PRO C 74 -0.60 17.24 24.51
N ASP C 75 -1.55 16.40 24.15
CA ASP C 75 -1.89 15.24 24.96
C ASP C 75 -0.76 14.19 24.95
N VAL C 76 0.01 14.17 23.86
CA VAL C 76 0.99 13.12 23.64
C VAL C 76 1.95 13.50 22.50
N ILE C 77 3.13 12.88 22.49
CA ILE C 77 4.08 13.08 21.40
C ILE C 77 4.27 11.78 20.60
N HIS C 78 4.12 11.87 19.28
CA HIS C 78 4.39 10.73 18.40
C HIS C 78 5.79 10.85 17.79
N LEU C 79 6.59 9.79 17.92
CA LEU C 79 7.93 9.77 17.36
C LEU C 79 7.98 8.80 16.18
N ASP C 80 8.73 9.15 15.14
CA ASP C 80 8.84 8.26 13.98
C ASP C 80 9.77 7.08 14.30
N SER C 81 9.27 6.18 15.12
CA SER C 81 9.97 4.95 15.47
C SER C 81 8.95 3.83 15.56
N THR C 82 8.88 2.98 14.54
CA THR C 82 7.83 1.98 14.47
C THR C 82 8.06 0.81 15.45
N LEU C 83 7.63 1.00 16.69
CA LEU C 83 7.85 0.00 17.75
C LEU C 83 6.60 -0.32 18.57
N GLY C 84 5.43 -0.26 17.93
CA GLY C 84 4.20 -0.70 18.56
C GLY C 84 3.52 0.28 19.49
N GLY C 85 4.01 1.51 19.54
CA GLY C 85 3.40 2.55 20.36
C GLY C 85 3.82 2.50 21.82
N ILE C 86 5.00 1.95 22.08
CA ILE C 86 5.53 1.91 23.44
C ILE C 86 6.17 3.24 23.84
N GLU C 87 5.98 3.63 25.10
CA GLU C 87 6.59 4.84 25.65
C GLU C 87 8.11 4.74 25.56
N VAL C 88 8.74 5.81 25.05
CA VAL C 88 10.18 5.83 24.84
C VAL C 88 10.96 5.76 26.16
N ARG C 89 10.36 6.27 27.23
CA ARG C 89 10.97 6.25 28.55
C ARG C 89 11.04 4.84 29.14
N LYS C 90 10.52 3.86 28.40
CA LYS C 90 10.55 2.47 28.83
C LYS C 90 11.19 1.59 27.76
N LEU C 91 11.86 2.23 26.80
CA LEU C 91 12.53 1.50 25.73
C LEU C 91 13.84 0.85 26.17
N ASP C 92 13.81 -0.46 26.35
CA ASP C 92 15.00 -1.22 26.70
C ASP C 92 15.37 -2.17 25.56
N GLU C 93 16.57 -2.75 25.67
CA GLU C 93 16.98 -3.83 24.79
C GLU C 93 16.04 -5.03 24.98
N SER C 94 15.47 -5.13 26.17
CA SER C 94 14.57 -6.21 26.53
C SER C 94 13.23 -6.08 25.84
N THR C 95 12.64 -4.88 25.90
CA THR C 95 11.33 -4.64 25.29
C THR C 95 11.41 -4.69 23.77
N ILE C 96 12.60 -4.51 23.24
CA ILE C 96 12.84 -4.57 21.80
C ILE C 96 13.23 -5.99 21.37
N ILE C 108 19.43 -2.01 15.96
CA ILE C 108 19.44 -0.64 15.45
C ILE C 108 18.78 0.33 16.43
N TRP C 109 17.57 0.01 16.85
CA TRP C 109 16.84 0.86 17.80
C TRP C 109 17.34 0.68 19.22
N LYS C 110 17.95 -0.47 19.48
CA LYS C 110 18.60 -0.72 20.77
C LYS C 110 19.64 0.35 21.06
N GLU C 111 20.43 0.70 20.05
CA GLU C 111 21.46 1.73 20.21
C GLU C 111 20.82 3.11 20.34
N LEU C 112 19.83 3.39 19.50
CA LEU C 112 19.20 4.70 19.49
C LEU C 112 18.38 4.96 20.76
N SER C 113 17.87 3.89 21.36
CA SER C 113 17.12 4.01 22.61
C SER C 113 17.99 4.59 23.73
N LYS C 114 19.29 4.32 23.64
CA LYS C 114 20.26 4.78 24.63
C LYS C 114 20.25 6.29 24.86
N ASP C 115 19.96 7.05 23.80
CA ASP C 115 19.95 8.51 23.89
C ASP C 115 18.56 9.14 23.75
N LEU C 116 17.53 8.31 23.81
CA LEU C 116 16.16 8.78 23.70
C LEU C 116 15.40 8.49 25.00
N GLN C 117 15.66 7.33 25.59
CA GLN C 117 15.01 6.92 26.83
C GLN C 117 15.18 7.91 28.01
N PRO C 118 16.43 8.29 28.32
CA PRO C 118 16.57 9.21 29.46
C PRO C 118 15.93 10.57 29.16
N LEU C 119 16.01 10.99 27.90
CA LEU C 119 15.46 12.27 27.47
C LEU C 119 13.95 12.28 27.60
N ALA C 120 13.30 11.20 27.15
CA ALA C 120 11.86 11.08 27.24
C ALA C 120 11.40 10.93 28.69
N LYS C 121 12.20 10.22 29.49
CA LYS C 121 11.93 10.05 30.91
C LYS C 121 11.96 11.40 31.62
N LYS C 122 12.96 12.21 31.31
CA LYS C 122 13.08 13.55 31.86
C LYS C 122 11.88 14.41 31.49
N PHE C 123 11.50 14.36 30.22
CA PHE C 123 10.40 15.18 29.72
C PHE C 123 9.07 14.78 30.34
N TRP C 124 8.87 13.47 30.48
CA TRP C 124 7.67 12.93 31.09
C TRP C 124 7.54 13.42 32.53
N GLU C 125 8.66 13.51 33.22
CA GLU C 125 8.68 13.97 34.62
C GLU C 125 8.40 15.46 34.73
N GLU C 126 8.75 16.20 33.68
CA GLU C 126 8.50 17.65 33.67
C GLU C 126 7.05 17.97 33.32
N THR C 127 6.48 17.20 32.41
CA THR C 127 5.21 17.57 31.78
C THR C 127 4.09 16.53 31.92
N GLY C 128 4.44 15.27 32.12
CA GLY C 128 3.45 14.21 32.17
C GLY C 128 3.04 13.77 30.78
N ILE C 129 3.74 14.28 29.78
CA ILE C 129 3.44 13.95 28.38
C ILE C 129 4.32 12.81 27.89
N GLU C 130 3.70 11.74 27.42
CA GLU C 130 4.41 10.57 26.92
C GLU C 130 4.97 10.82 25.52
N ILE C 131 6.12 10.22 25.24
CA ILE C 131 6.67 10.21 23.89
C ILE C 131 6.60 8.77 23.41
N ILE C 132 5.79 8.50 22.39
CA ILE C 132 5.55 7.13 21.99
C ILE C 132 6.18 6.76 20.64
N ALA C 133 6.77 5.57 20.59
CA ALA C 133 7.34 5.05 19.36
C ALA C 133 6.24 4.35 18.56
N ILE C 134 5.43 5.14 17.87
CA ILE C 134 4.33 4.62 17.06
C ILE C 134 4.75 4.50 15.59
N GLY C 135 5.59 5.43 15.15
CA GLY C 135 6.18 5.36 13.83
C GLY C 135 5.21 5.50 12.66
N LYS C 136 5.36 4.63 11.66
CA LYS C 136 4.58 4.73 10.42
C LYS C 136 3.10 4.42 10.61
N SER C 137 2.69 4.12 11.84
CA SER C 137 1.29 3.91 12.13
C SER C 137 0.61 5.24 12.49
N SER C 138 1.41 6.29 12.64
CA SER C 138 0.90 7.59 13.08
C SER C 138 0.62 8.56 11.94
N VAL C 139 -0.61 9.08 11.89
CA VAL C 139 -0.95 10.13 10.93
C VAL C 139 -0.19 11.45 11.18
N PRO C 140 -0.13 11.92 12.45
CA PRO C 140 0.66 13.14 12.71
C PRO C 140 2.13 13.02 12.31
N VAL C 141 2.74 11.85 12.52
CA VAL C 141 4.11 11.62 12.08
C VAL C 141 4.21 11.80 10.56
N ARG C 142 3.25 11.22 9.85
CA ARG C 142 3.17 11.34 8.40
C ARG C 142 2.98 12.78 7.94
N ILE C 143 2.22 13.55 8.72
CA ILE C 143 2.00 14.96 8.41
C ILE C 143 3.28 15.76 8.63
N ALA C 144 4.05 15.39 9.65
CA ALA C 144 5.35 16.00 9.90
C ALA C 144 6.29 15.70 8.73
N GLU C 145 6.22 14.48 8.23
CA GLU C 145 7.06 14.04 7.12
C GLU C 145 6.75 14.83 5.85
N ILE C 146 5.47 15.06 5.59
CA ILE C 146 5.05 15.85 4.43
C ILE C 146 5.56 17.29 4.54
N TYR C 147 5.46 17.87 5.73
CA TYR C 147 5.98 19.22 5.95
C TYR C 147 7.49 19.28 5.79
N ALA C 148 8.16 18.18 6.17
CA ALA C 148 9.60 18.07 5.98
C ALA C 148 9.96 18.16 4.49
N GLY C 149 9.18 17.47 3.67
CA GLY C 149 9.33 17.55 2.23
C GLY C 149 9.14 18.97 1.74
N ILE C 150 8.12 19.63 2.29
CA ILE C 150 7.82 21.01 1.93
C ILE C 150 8.97 21.94 2.32
N PHE C 151 9.49 21.78 3.53
CA PHE C 151 10.57 22.64 4.01
C PHE C 151 11.89 22.34 3.31
N SER C 152 12.08 21.10 2.86
CA SER C 152 13.24 20.74 2.07
C SER C 152 13.19 21.44 0.71
N VAL C 153 11.99 21.52 0.13
CA VAL C 153 11.78 22.23 -1.13
C VAL C 153 11.98 23.73 -0.96
N LYS C 154 11.50 24.28 0.16
CA LYS C 154 11.73 25.68 0.49
C LYS C 154 13.23 25.94 0.62
N TRP C 155 13.92 25.00 1.25
CA TRP C 155 15.37 25.10 1.44
C TRP C 155 16.12 25.07 0.10
N ALA C 156 15.71 24.18 -0.79
CA ALA C 156 16.32 24.07 -2.11
C ALA C 156 16.10 25.32 -2.94
N LEU C 157 14.93 25.95 -2.75
CA LEU C 157 14.63 27.22 -3.40
C LEU C 157 15.57 28.34 -2.93
N ASP C 158 16.26 28.11 -1.81
CA ASP C 158 17.13 29.12 -1.22
C ASP C 158 18.62 28.79 -1.30
N ASN C 159 18.93 27.58 -1.75
CA ASN C 159 20.32 27.11 -1.79
C ASN C 159 20.74 26.54 -3.14
N VAL C 160 20.05 26.94 -4.20
CA VAL C 160 20.32 26.44 -5.54
C VAL C 160 21.29 27.33 -6.32
N GLY C 165 22.84 23.67 -9.54
CA GLY C 165 21.49 23.24 -9.26
C GLY C 165 21.43 22.23 -8.12
N LEU C 166 20.23 21.72 -7.86
CA LEU C 166 20.05 20.75 -6.77
C LEU C 166 19.13 19.58 -7.14
N LEU C 167 19.39 18.46 -6.50
CA LEU C 167 18.59 17.25 -6.67
C LEU C 167 18.12 16.82 -5.29
N VAL C 168 16.83 17.02 -5.01
CA VAL C 168 16.30 16.73 -3.67
C VAL C 168 15.36 15.52 -3.67
N GLY C 169 15.70 14.51 -2.89
CA GLY C 169 14.85 13.35 -2.72
C GLY C 169 13.77 13.64 -1.68
N LEU C 170 12.52 13.60 -2.12
CA LEU C 170 11.39 13.85 -1.23
C LEU C 170 11.03 12.60 -0.42
N PRO C 171 10.34 12.78 0.71
CA PRO C 171 9.83 11.65 1.49
C PRO C 171 8.84 10.81 0.66
N ARG C 172 8.46 9.63 1.18
CA ARG C 172 7.66 8.67 0.39
C ARG C 172 6.34 9.22 -0.15
N TYR C 173 6.07 8.89 -1.41
CA TYR C 173 4.84 9.27 -2.12
C TYR C 173 4.18 10.59 -1.73
N MET C 174 4.87 11.68 -2.03
CA MET C 174 4.31 13.01 -1.86
C MET C 174 4.84 13.91 -2.97
N GLU C 175 4.03 14.89 -3.36
CA GLU C 175 4.46 15.87 -4.35
C GLU C 175 4.26 17.25 -3.75
N VAL C 176 4.87 18.25 -4.38
CA VAL C 176 4.66 19.63 -3.98
C VAL C 176 4.17 20.47 -5.16
N GLU C 177 3.42 21.52 -4.86
CA GLU C 177 3.10 22.52 -5.86
C GLU C 177 3.70 23.85 -5.40
N ILE C 178 4.31 24.57 -6.33
CA ILE C 178 4.97 25.83 -5.98
C ILE C 178 4.22 27.04 -6.52
N LYS C 179 3.62 27.79 -5.61
CA LYS C 179 2.91 29.02 -5.96
C LYS C 179 3.85 30.20 -5.81
N LYS C 180 3.35 31.40 -6.05
CA LYS C 180 4.16 32.61 -5.90
C LYS C 180 4.49 32.88 -4.43
N ASP C 181 3.57 32.50 -3.55
CA ASP C 181 3.60 32.92 -2.15
C ASP C 181 3.54 31.77 -1.14
N LYS C 182 3.46 30.53 -1.63
CA LYS C 182 3.34 29.38 -0.75
C LYS C 182 3.78 28.09 -1.42
N ILE C 183 4.16 27.11 -0.60
CA ILE C 183 4.42 25.76 -1.10
C ILE C 183 3.40 24.80 -0.48
N ILE C 184 2.78 23.98 -1.33
CA ILE C 184 1.78 23.03 -0.88
C ILE C 184 2.30 21.62 -1.05
N GLY C 185 2.22 20.81 0.00
CA GLY C 185 2.61 19.42 -0.08
C GLY C 185 1.41 18.52 0.12
N LYS C 186 1.41 17.37 -0.55
CA LYS C 186 0.26 16.46 -0.50
C LYS C 186 0.71 15.02 -0.67
N SER C 187 0.11 14.13 0.11
CA SER C 187 0.38 12.70 -0.04
C SER C 187 -0.20 12.21 -1.36
N LEU C 188 0.52 11.29 -2.02
CA LEU C 188 0.04 10.72 -3.27
C LEU C 188 -0.83 9.49 -3.01
N ASP C 189 -0.89 9.06 -1.75
CA ASP C 189 -1.66 7.87 -1.38
C ASP C 189 -3.05 8.26 -0.89
N PRO C 190 -4.07 8.01 -1.73
CA PRO C 190 -5.46 8.33 -1.37
C PRO C 190 -5.94 7.51 -0.17
N ARG C 191 -5.24 6.42 0.13
CA ARG C 191 -5.60 5.58 1.26
C ARG C 191 -5.42 6.30 2.60
N GLU C 192 -4.56 7.32 2.61
CA GLU C 192 -4.27 8.07 3.83
C GLU C 192 -5.33 9.12 4.13
N GLY C 193 -6.20 9.40 3.16
CA GLY C 193 -7.36 10.25 3.39
C GLY C 193 -7.17 11.74 3.15
N GLY C 194 -6.21 12.10 2.30
CA GLY C 194 -6.02 13.49 1.92
C GLY C 194 -5.15 14.31 2.85
N LEU C 195 -3.98 13.77 3.19
CA LEU C 195 -3.04 14.46 4.06
C LEU C 195 -2.25 15.50 3.26
N TYR C 196 -2.12 16.70 3.81
CA TYR C 196 -1.49 17.81 3.11
C TYR C 196 -0.88 18.82 4.08
N GLY C 197 -0.13 19.77 3.52
CA GLY C 197 0.44 20.85 4.30
C GLY C 197 0.71 22.07 3.43
N GLU C 198 0.77 23.24 4.04
CA GLU C 198 1.07 24.48 3.33
C GLU C 198 2.15 25.23 4.08
N VAL C 199 3.07 25.86 3.34
CA VAL C 199 4.06 26.73 3.94
C VAL C 199 4.22 28.02 3.13
N LYS C 200 4.00 29.15 3.78
CA LYS C 200 4.21 30.44 3.15
C LYS C 200 5.70 30.64 2.87
N THR C 201 6.02 31.16 1.69
CA THR C 201 7.40 31.46 1.33
C THR C 201 7.42 32.33 0.08
N GLU C 202 8.58 32.89 -0.26
CA GLU C 202 8.71 33.59 -1.53
C GLU C 202 9.54 32.73 -2.48
N VAL C 203 9.27 32.87 -3.78
CA VAL C 203 9.95 32.07 -4.78
C VAL C 203 10.85 32.94 -5.66
N PRO C 204 12.13 32.57 -5.77
CA PRO C 204 13.12 33.34 -6.51
C PRO C 204 12.85 33.45 -8.01
N GLN C 205 13.71 34.20 -8.70
CA GLN C 205 13.65 34.36 -10.14
C GLN C 205 14.89 33.70 -10.74
N GLY C 206 14.83 33.32 -12.01
CA GLY C 206 15.98 32.71 -12.67
C GLY C 206 16.19 31.27 -12.30
N ILE C 207 15.10 30.58 -11.96
CA ILE C 207 15.15 29.17 -11.60
C ILE C 207 14.11 28.36 -12.36
N LYS C 208 14.25 27.03 -12.30
CA LYS C 208 13.24 26.12 -12.85
C LYS C 208 13.32 24.79 -12.11
N TRP C 209 12.18 24.11 -12.00
CA TRP C 209 12.11 22.88 -11.22
C TRP C 209 11.26 21.83 -11.90
N GLU C 210 11.60 20.56 -11.69
CA GLU C 210 10.79 19.46 -12.17
C GLU C 210 10.54 18.48 -11.02
N LEU C 211 9.45 17.73 -11.12
CA LEU C 211 9.14 16.70 -10.13
C LEU C 211 8.95 15.40 -10.88
N TYR C 212 9.75 14.39 -10.54
CA TYR C 212 9.69 13.10 -11.23
C TYR C 212 10.11 11.93 -10.33
N PRO C 213 9.73 10.71 -10.70
CA PRO C 213 10.07 9.52 -9.89
C PRO C 213 11.57 9.36 -9.63
N ASN C 214 11.92 9.03 -8.39
CA ASN C 214 13.27 8.61 -8.05
C ASN C 214 13.45 7.20 -8.57
N PRO C 215 14.30 7.03 -9.61
CA PRO C 215 14.44 5.74 -10.27
C PRO C 215 15.06 4.68 -9.38
N LEU C 216 15.71 5.10 -8.29
CA LEU C 216 16.32 4.17 -7.36
C LEU C 216 15.39 3.78 -6.21
N VAL C 217 14.42 4.64 -5.91
CA VAL C 217 13.51 4.41 -4.79
C VAL C 217 12.06 4.52 -5.22
N ARG C 218 11.47 3.38 -5.59
CA ARG C 218 10.08 3.28 -6.02
C ARG C 218 9.12 3.97 -5.04
N ARG C 219 8.19 4.74 -5.60
CA ARG C 219 7.18 5.49 -4.85
C ARG C 219 7.70 6.78 -4.21
N PHE C 220 8.97 7.10 -4.39
CA PHE C 220 9.52 8.36 -3.90
C PHE C 220 9.72 9.28 -5.10
N MET C 221 9.46 10.57 -4.91
CA MET C 221 9.65 11.55 -5.98
C MET C 221 10.95 12.32 -5.79
N VAL C 222 11.47 12.88 -6.89
CA VAL C 222 12.65 13.71 -6.84
C VAL C 222 12.29 15.13 -7.25
N PHE C 223 12.78 16.11 -6.48
CA PHE C 223 12.63 17.52 -6.83
C PHE C 223 13.94 18.03 -7.42
N GLU C 224 13.94 18.25 -8.73
CA GLU C 224 15.13 18.77 -9.42
C GLU C 224 15.00 20.26 -9.70
N ILE C 225 15.99 21.04 -9.27
CA ILE C 225 15.94 22.49 -9.45
C ILE C 225 17.26 23.04 -10.01
N THR C 226 17.14 24.04 -10.90
CA THR C 226 18.31 24.71 -11.46
C THR C 226 18.10 26.21 -11.52
MG MG D . -11.34 -10.86 9.10
MG MG E . 10.34 -10.43 -11.13
MG MG F . 11.66 9.39 10.16
#